data_5LY0
#
_entry.id   5LY0
#
_cell.length_a   29.345
_cell.length_b   85.206
_cell.length_c   93.334
_cell.angle_alpha   90.00
_cell.angle_beta   90.00
_cell.angle_gamma   90.00
#
_symmetry.space_group_name_H-M   'P 21 21 21'
#
loop_
_entity.id
_entity.type
_entity.pdbx_description
1 polymer 'LOB family transfactor Ramosa2.1'
2 non-polymer 'ZINC ION'
3 water water
#
_entity_poly.entity_id   1
_entity_poly.type   'polypeptide(L)'
_entity_poly.pdbx_seq_one_letter_code
;AAPTTPGAGAPCAACKFLRRKCLPGCVFAPYFPPEEPQKFANVHKVFGASNVTKLLNELPPHQREDAVSSLAYEAEARVK
DPVYGCVGAISVLQRQVHRLQKELDAAHTELLRYACGELGGIPTALPVVTA
;
_entity_poly.pdbx_strand_id   A,B
#
loop_
_chem_comp.id
_chem_comp.type
_chem_comp.name
_chem_comp.formula
ZN non-polymer 'ZINC ION' 'Zn 2'
#
# COMPACT_ATOMS: atom_id res chain seq x y z
N ALA A 10 7.87 -30.90 0.49
CA ALA A 10 7.93 -29.81 -0.46
C ALA A 10 8.31 -28.50 0.24
N PRO A 11 9.28 -27.76 -0.30
CA PRO A 11 9.66 -26.50 0.34
C PRO A 11 8.63 -25.42 0.08
N CYS A 12 8.50 -24.50 1.03
CA CYS A 12 7.61 -23.37 0.84
C CYS A 12 8.18 -22.45 -0.24
N ALA A 13 7.33 -21.55 -0.73
CA ALA A 13 7.74 -20.68 -1.83
C ALA A 13 8.92 -19.80 -1.45
N ALA A 14 9.02 -19.41 -0.18
CA ALA A 14 10.13 -18.57 0.24
C ALA A 14 11.44 -19.33 0.16
N CYS A 15 11.47 -20.57 0.67
CA CYS A 15 12.70 -21.35 0.68
C CYS A 15 13.09 -21.78 -0.73
N LYS A 16 12.10 -22.10 -1.58
CA LYS A 16 12.40 -22.42 -2.97
C LYS A 16 13.04 -21.21 -3.66
N PHE A 17 12.49 -20.01 -3.43
CA PHE A 17 13.07 -18.81 -4.03
C PHE A 17 14.47 -18.56 -3.50
N LEU A 18 14.64 -18.61 -2.18
CA LEU A 18 15.94 -18.39 -1.56
C LEU A 18 16.87 -19.57 -1.75
N ARG A 19 16.41 -20.65 -2.36
CA ARG A 19 17.24 -21.83 -2.64
C ARG A 19 17.86 -22.38 -1.36
N ARG A 20 17.05 -22.49 -0.30
CA ARG A 20 17.50 -23.05 0.96
C ARG A 20 16.55 -24.15 1.39
N LYS A 21 17.01 -24.95 2.36
CA LYS A 21 16.22 -26.08 2.85
C LYS A 21 15.09 -25.57 3.74
N CYS A 22 13.86 -25.97 3.41
CA CYS A 22 12.69 -25.60 4.21
C CYS A 22 12.57 -26.60 5.36
N LEU A 23 12.97 -26.17 6.55
CA LEU A 23 13.04 -27.05 7.70
C LEU A 23 11.80 -26.92 8.57
N PRO A 24 11.52 -27.93 9.39
CA PRO A 24 10.45 -27.79 10.38
C PRO A 24 10.61 -26.51 11.19
N GLY A 25 9.51 -25.77 11.32
CA GLY A 25 9.53 -24.49 12.00
C GLY A 25 9.83 -23.30 11.13
N CYS A 26 10.00 -23.50 9.82
CA CYS A 26 10.21 -22.39 8.89
C CYS A 26 9.19 -21.29 9.15
N VAL A 27 9.68 -20.05 9.29
CA VAL A 27 8.80 -18.94 9.61
C VAL A 27 7.93 -18.54 8.43
N PHE A 28 8.34 -18.86 7.20
CA PHE A 28 7.55 -18.49 6.02
C PHE A 28 6.53 -19.54 5.64
N ALA A 29 6.77 -20.80 5.96
CA ALA A 29 6.00 -21.89 5.37
C ALA A 29 4.49 -21.76 5.60
N PRO A 30 4.00 -21.36 6.77
CA PRO A 30 2.54 -21.30 6.95
C PRO A 30 1.85 -20.29 6.06
N TYR A 31 2.59 -19.36 5.46
CA TYR A 31 2.01 -18.20 4.80
C TYR A 31 2.40 -18.05 3.34
N PHE A 32 3.42 -18.76 2.88
CA PHE A 32 3.88 -18.67 1.49
C PHE A 32 3.89 -20.08 0.91
N PRO A 33 2.72 -20.60 0.55
CA PRO A 33 2.65 -21.98 0.06
C PRO A 33 3.36 -22.12 -1.28
N PRO A 34 3.81 -23.33 -1.64
CA PRO A 34 4.53 -23.49 -2.91
C PRO A 34 3.70 -23.12 -4.12
N GLU A 35 2.38 -23.20 -4.04
CA GLU A 35 1.52 -22.93 -5.19
C GLU A 35 1.44 -21.45 -5.55
N GLU A 36 2.03 -20.57 -4.75
CA GLU A 36 1.93 -19.12 -4.96
C GLU A 36 3.32 -18.50 -4.96
N PRO A 37 4.20 -18.93 -5.88
CA PRO A 37 5.57 -18.41 -5.87
C PRO A 37 5.67 -16.93 -6.14
N GLN A 38 4.82 -16.38 -7.02
CA GLN A 38 4.91 -14.96 -7.35
C GLN A 38 4.60 -14.10 -6.13
N LYS A 39 3.75 -14.59 -5.23
CA LYS A 39 3.47 -13.83 -4.01
C LYS A 39 4.75 -13.54 -3.23
N PHE A 40 5.58 -14.56 -3.03
CA PHE A 40 6.83 -14.31 -2.32
C PHE A 40 7.79 -13.49 -3.15
N ALA A 41 7.90 -13.77 -4.45
CA ALA A 41 8.80 -13.00 -5.30
C ALA A 41 8.51 -11.51 -5.21
N ASN A 42 7.23 -11.14 -5.23
CA ASN A 42 6.87 -9.72 -5.13
C ASN A 42 7.23 -9.15 -3.77
N VAL A 43 6.86 -9.86 -2.70
CA VAL A 43 7.15 -9.37 -1.36
C VAL A 43 8.65 -9.25 -1.14
N HIS A 44 9.41 -10.20 -1.67
CA HIS A 44 10.87 -10.15 -1.54
C HIS A 44 11.44 -8.93 -2.27
N LYS A 45 10.92 -8.65 -3.48
CA LYS A 45 11.43 -7.52 -4.25
C LYS A 45 11.15 -6.19 -3.55
N VAL A 46 9.97 -6.03 -2.98
CA VAL A 46 9.55 -4.74 -2.44
C VAL A 46 10.02 -4.56 -1.01
N PHE A 47 9.78 -5.54 -0.14
CA PHE A 47 10.08 -5.42 1.28
C PHE A 47 11.36 -6.15 1.69
N GLY A 48 11.66 -7.29 1.08
CA GLY A 48 12.83 -8.06 1.44
C GLY A 48 12.52 -9.12 2.48
N ALA A 49 13.17 -10.28 2.37
CA ALA A 49 12.87 -11.39 3.27
C ALA A 49 13.17 -11.03 4.72
N SER A 50 14.27 -10.31 4.95
CA SER A 50 14.65 -9.97 6.32
C SER A 50 13.61 -9.09 7.00
N ASN A 51 13.07 -8.11 6.26
CA ASN A 51 12.05 -7.24 6.83
C ASN A 51 10.77 -8.01 7.13
N VAL A 52 10.41 -8.96 6.26
CA VAL A 52 9.21 -9.75 6.49
C VAL A 52 9.40 -10.70 7.66
N THR A 53 10.59 -11.31 7.76
CA THR A 53 10.87 -12.17 8.91
C THR A 53 10.68 -11.41 10.21
N LYS A 54 11.19 -10.19 10.29
CA LYS A 54 11.13 -9.45 11.55
C LYS A 54 9.72 -8.94 11.83
N LEU A 55 9.02 -8.45 10.80
CA LEU A 55 7.63 -8.02 11.01
C LEU A 55 6.77 -9.17 11.48
N LEU A 56 6.92 -10.35 10.85
CA LEU A 56 6.14 -11.50 11.28
C LEU A 56 6.38 -11.85 12.74
N ASN A 57 7.58 -11.58 13.25
CA ASN A 57 7.89 -11.83 14.66
C ASN A 57 7.53 -10.65 15.55
N GLU A 58 7.24 -9.47 14.98
CA GLU A 58 6.61 -8.39 15.72
C GLU A 58 5.13 -8.67 16.00
N LEU A 59 4.54 -9.66 15.32
CA LEU A 59 3.11 -9.86 15.35
C LEU A 59 2.73 -11.13 16.09
N PRO A 60 1.55 -11.18 16.69
CA PRO A 60 1.06 -12.43 17.25
C PRO A 60 0.68 -13.40 16.15
N PRO A 61 0.71 -14.71 16.41
CA PRO A 61 0.36 -15.67 15.35
C PRO A 61 -0.94 -15.38 14.63
N HIS A 62 -1.99 -14.94 15.35
CA HIS A 62 -3.31 -14.81 14.74
C HIS A 62 -3.43 -13.61 13.82
N GLN A 63 -2.39 -12.78 13.68
CA GLN A 63 -2.41 -11.67 12.73
C GLN A 63 -1.45 -11.86 11.56
N ARG A 64 -0.64 -12.92 11.57
CA ARG A 64 0.39 -13.07 10.55
C ARG A 64 -0.22 -13.34 9.17
N GLU A 65 -1.28 -14.12 9.12
CA GLU A 65 -1.93 -14.40 7.83
C GLU A 65 -2.45 -13.12 7.20
N ASP A 66 -3.11 -12.26 7.99
CA ASP A 66 -3.60 -10.99 7.46
C ASP A 66 -2.45 -10.08 7.08
N ALA A 67 -1.36 -10.09 7.84
CA ALA A 67 -0.21 -9.25 7.52
C ALA A 67 0.39 -9.65 6.17
N VAL A 68 0.55 -10.95 5.94
CA VAL A 68 1.11 -11.41 4.68
C VAL A 68 0.18 -11.07 3.52
N SER A 69 -1.13 -11.25 3.72
CA SER A 69 -2.09 -10.87 2.70
C SER A 69 -1.94 -9.40 2.33
N SER A 70 -1.77 -8.54 3.33
CA SER A 70 -1.62 -7.11 3.06
C SER A 70 -0.29 -6.82 2.37
N LEU A 71 0.81 -7.41 2.86
CA LEU A 71 2.09 -7.24 2.19
C LEU A 71 2.04 -7.70 0.75
N ALA A 72 1.38 -8.82 0.49
CA ALA A 72 1.31 -9.34 -0.87
C ALA A 72 0.56 -8.39 -1.78
N TYR A 73 -0.58 -7.88 -1.31
CA TYR A 73 -1.33 -6.92 -2.11
C TYR A 73 -0.50 -5.68 -2.38
N GLU A 74 0.19 -5.18 -1.34
CA GLU A 74 0.98 -3.97 -1.48
C GLU A 74 2.14 -4.17 -2.44
N ALA A 75 2.80 -5.34 -2.37
CA ALA A 75 3.92 -5.61 -3.25
C ALA A 75 3.47 -5.81 -4.69
N GLU A 76 2.36 -6.54 -4.90
CA GLU A 76 1.85 -6.71 -6.25
C GLU A 76 1.45 -5.37 -6.86
N ALA A 77 0.87 -4.48 -6.04
CA ALA A 77 0.51 -3.16 -6.54
C ALA A 77 1.74 -2.37 -6.98
N ARG A 78 2.88 -2.55 -6.29
CA ARG A 78 4.08 -1.82 -6.65
C ARG A 78 4.78 -2.43 -7.86
N VAL A 79 4.59 -3.72 -8.10
CA VAL A 79 5.05 -4.32 -9.34
C VAL A 79 4.24 -3.79 -10.52
N LYS A 80 2.93 -3.64 -10.33
CA LYS A 80 2.08 -3.13 -11.40
C LYS A 80 2.30 -1.63 -11.61
N ASP A 81 2.48 -0.88 -10.52
CA ASP A 81 2.67 0.57 -10.57
C ASP A 81 3.93 0.91 -9.77
N PRO A 82 5.10 0.86 -10.42
CA PRO A 82 6.35 1.08 -9.67
C PRO A 82 6.48 2.47 -9.05
N VAL A 83 5.69 3.45 -9.50
CA VAL A 83 5.81 4.81 -8.97
C VAL A 83 4.92 4.96 -7.74
N TYR A 84 3.61 4.74 -7.91
CA TYR A 84 2.64 5.05 -6.87
C TYR A 84 2.23 3.84 -6.05
N GLY A 85 2.39 2.62 -6.57
CA GLY A 85 1.98 1.45 -5.82
C GLY A 85 0.51 1.53 -5.47
N CYS A 86 0.18 1.05 -4.27
CA CYS A 86 -1.21 1.04 -3.84
C CYS A 86 -1.71 2.42 -3.43
N VAL A 87 -0.84 3.43 -3.40
CA VAL A 87 -1.30 4.80 -3.16
C VAL A 87 -2.11 5.28 -4.36
N GLY A 88 -1.80 4.78 -5.56
CA GLY A 88 -2.64 5.07 -6.71
C GLY A 88 -4.06 4.59 -6.52
N ALA A 89 -4.23 3.41 -5.91
CA ALA A 89 -5.57 2.91 -5.62
C ALA A 89 -6.28 3.83 -4.64
N ILE A 90 -5.58 4.30 -3.61
CA ILE A 90 -6.17 5.22 -2.64
C ILE A 90 -6.62 6.51 -3.34
N SER A 91 -5.77 7.05 -4.21
CA SER A 91 -6.13 8.26 -4.93
C SER A 91 -7.40 8.05 -5.75
N VAL A 92 -7.50 6.91 -6.45
CA VAL A 92 -8.67 6.62 -7.25
C VAL A 92 -9.91 6.49 -6.36
N LEU A 93 -9.76 5.78 -5.24
CA LEU A 93 -10.89 5.55 -4.35
C LEU A 93 -11.33 6.84 -3.67
N GLN A 94 -10.38 7.71 -3.32
CA GLN A 94 -10.74 9.01 -2.76
C GLN A 94 -11.63 9.79 -3.72
N ARG A 95 -11.24 9.82 -5.01
CA ARG A 95 -12.03 10.53 -6.00
C ARG A 95 -13.41 9.91 -6.16
N GLN A 96 -13.48 8.57 -6.17
CA GLN A 96 -14.75 7.90 -6.44
C GLN A 96 -15.73 8.07 -5.30
N VAL A 97 -15.26 7.97 -4.06
CA VAL A 97 -16.15 8.15 -2.91
C VAL A 97 -16.73 9.56 -2.93
N HIS A 98 -15.87 10.56 -3.12
CA HIS A 98 -16.34 11.94 -3.19
C HIS A 98 -17.38 12.10 -4.30
N ARG A 99 -17.13 11.50 -5.45
CA ARG A 99 -18.04 11.63 -6.58
C ARG A 99 -19.38 10.96 -6.31
N LEU A 100 -19.34 9.73 -5.77
CA LEU A 100 -20.58 9.02 -5.47
C LEU A 100 -21.39 9.75 -4.40
N GLN A 101 -20.71 10.30 -3.39
CA GLN A 101 -21.41 11.05 -2.35
C GLN A 101 -22.08 12.28 -2.93
N LYS A 102 -21.39 12.99 -3.81
CA LYS A 102 -21.97 14.15 -4.49
C LYS A 102 -23.19 13.73 -5.31
N GLU A 103 -23.06 12.65 -6.07
CA GLU A 103 -24.16 12.17 -6.90
C GLU A 103 -25.35 11.75 -6.05
N LEU A 104 -25.09 11.12 -4.91
CA LEU A 104 -26.17 10.67 -4.03
C LEU A 104 -26.87 11.85 -3.38
N ASP A 105 -26.11 12.85 -2.93
CA ASP A 105 -26.71 14.05 -2.37
C ASP A 105 -27.60 14.76 -3.39
N ALA A 106 -27.12 14.85 -4.64
CA ALA A 106 -27.92 15.47 -5.69
C ALA A 106 -29.19 14.69 -5.95
N ALA A 107 -29.11 13.36 -5.92
CA ALA A 107 -30.30 12.54 -6.14
C ALA A 107 -31.33 12.73 -5.03
N HIS A 108 -30.88 12.78 -3.78
CA HIS A 108 -31.80 13.02 -2.68
C HIS A 108 -32.45 14.39 -2.79
N THR A 109 -31.68 15.39 -3.23
CA THR A 109 -32.25 16.71 -3.47
C THR A 109 -33.32 16.68 -4.55
N GLU A 110 -33.04 15.96 -5.65
CA GLU A 110 -34.01 15.84 -6.73
C GLU A 110 -35.26 15.11 -6.27
N LEU A 111 -35.09 14.06 -5.46
CA LEU A 111 -36.25 13.32 -4.96
C LEU A 111 -37.15 14.21 -4.12
N LEU A 112 -36.56 15.06 -3.27
CA LEU A 112 -37.38 15.92 -2.43
C LEU A 112 -38.17 16.92 -3.27
N ARG A 113 -37.57 17.45 -4.33
CA ARG A 113 -38.30 18.37 -5.20
C ARG A 113 -39.47 17.69 -5.88
N TYR A 114 -39.34 16.39 -6.20
CA TYR A 114 -40.47 15.66 -6.76
C TYR A 114 -41.62 15.56 -5.78
N ALA A 115 -41.31 15.42 -4.49
CA ALA A 115 -42.35 15.27 -3.48
C ALA A 115 -42.90 16.62 -3.03
N CYS A 116 -42.03 17.63 -2.92
CA CYS A 116 -42.41 18.93 -2.38
C CYS A 116 -42.52 20.01 -3.45
N GLY A 117 -41.52 20.12 -4.32
CA GLY A 117 -41.55 21.13 -5.36
C GLY A 117 -42.22 20.64 -6.63
N PRO B 11 23.93 17.68 5.23
CA PRO B 11 23.60 16.27 5.51
C PRO B 11 22.11 15.96 5.39
N CYS B 12 21.76 15.14 4.41
CA CYS B 12 20.38 14.75 4.23
C CYS B 12 19.92 13.86 5.38
N ALA B 13 18.61 13.61 5.43
CA ALA B 13 18.06 12.78 6.50
C ALA B 13 18.65 11.38 6.48
N ALA B 14 18.89 10.84 5.28
CA ALA B 14 19.40 9.47 5.16
C ALA B 14 20.78 9.36 5.79
N CYS B 15 21.71 10.25 5.38
CA CYS B 15 23.08 10.15 5.87
C CYS B 15 23.17 10.45 7.36
N LYS B 16 22.40 11.43 7.84
CA LYS B 16 22.28 11.63 9.28
C LYS B 16 21.93 10.32 9.98
N PHE B 17 20.87 9.65 9.50
CA PHE B 17 20.45 8.39 10.10
C PHE B 17 21.51 7.31 9.90
N LEU B 18 22.18 7.31 8.75
CA LEU B 18 23.07 6.22 8.36
C LEU B 18 24.52 6.44 8.80
N ARG B 19 24.83 7.55 9.47
CA ARG B 19 26.14 7.88 10.04
C ARG B 19 27.13 8.37 8.99
N ARG B 20 26.88 8.18 7.70
CA ARG B 20 27.87 8.47 6.69
C ARG B 20 27.88 9.95 6.33
N LYS B 21 28.99 10.39 5.74
CA LYS B 21 29.07 11.74 5.19
C LYS B 21 28.16 11.86 3.99
N CYS B 22 27.44 12.98 3.90
CA CYS B 22 26.54 13.24 2.78
C CYS B 22 27.33 13.93 1.68
N LEU B 23 27.68 13.19 0.65
CA LEU B 23 28.54 13.67 -0.42
C LEU B 23 27.72 14.34 -1.51
N PRO B 24 28.35 15.23 -2.31
CA PRO B 24 27.68 15.69 -3.53
C PRO B 24 27.24 14.52 -4.39
N GLY B 25 25.95 14.44 -4.69
CA GLY B 25 25.42 13.31 -5.40
C GLY B 25 24.96 12.16 -4.52
N CYS B 26 24.88 12.37 -3.21
CA CYS B 26 24.21 11.40 -2.35
C CYS B 26 22.85 11.07 -2.94
N VAL B 27 22.59 9.77 -3.11
CA VAL B 27 21.42 9.35 -3.86
C VAL B 27 20.11 9.55 -3.12
N PHE B 28 20.17 9.86 -1.82
CA PHE B 28 18.96 10.15 -1.05
C PHE B 28 18.71 11.65 -0.88
N ALA B 29 19.76 12.46 -0.87
CA ALA B 29 19.62 13.88 -0.57
C ALA B 29 18.54 14.58 -1.37
N PRO B 30 18.37 14.31 -2.67
CA PRO B 30 17.30 15.01 -3.40
C PRO B 30 15.91 14.76 -2.86
N TYR B 31 15.72 13.69 -2.09
CA TYR B 31 14.38 13.25 -1.71
C TYR B 31 14.19 13.08 -0.21
N PHE B 32 15.24 13.18 0.60
CA PHE B 32 15.14 12.98 2.05
C PHE B 32 15.83 14.15 2.75
N PRO B 33 15.16 15.30 2.83
CA PRO B 33 15.78 16.45 3.46
C PRO B 33 15.89 16.26 4.96
N PRO B 34 16.85 16.92 5.62
CA PRO B 34 17.05 16.69 7.06
C PRO B 34 15.86 17.09 7.91
N GLU B 35 15.04 18.04 7.47
CA GLU B 35 13.94 18.55 8.28
C GLU B 35 12.76 17.58 8.34
N GLU B 36 12.88 16.41 7.74
CA GLU B 36 11.82 15.40 7.74
C GLU B 36 12.41 14.06 8.17
N PRO B 37 12.92 13.97 9.40
CA PRO B 37 13.55 12.71 9.82
C PRO B 37 12.60 11.52 9.76
N GLN B 38 11.32 11.74 10.06
CA GLN B 38 10.35 10.65 10.05
C GLN B 38 10.28 10.00 8.67
N LYS B 39 10.44 10.79 7.61
CA LYS B 39 10.26 10.26 6.26
C LYS B 39 11.25 9.13 5.99
N PHE B 40 12.53 9.34 6.32
CA PHE B 40 13.52 8.31 6.03
C PHE B 40 13.42 7.14 7.01
N ALA B 41 13.19 7.43 8.30
CA ALA B 41 13.13 6.37 9.30
C ALA B 41 12.07 5.34 8.93
N ASN B 42 10.88 5.82 8.54
CA ASN B 42 9.80 4.90 8.17
C ASN B 42 10.17 4.08 6.94
N VAL B 43 10.68 4.74 5.91
CA VAL B 43 11.00 4.03 4.66
C VAL B 43 12.08 2.98 4.91
N HIS B 44 13.11 3.33 5.68
CA HIS B 44 14.17 2.38 5.98
C HIS B 44 13.63 1.18 6.74
N LYS B 45 12.74 1.42 7.70
CA LYS B 45 12.20 0.33 8.51
C LYS B 45 11.33 -0.61 7.68
N VAL B 46 10.55 -0.07 6.75
CA VAL B 46 9.57 -0.87 6.02
C VAL B 46 10.18 -1.49 4.78
N PHE B 47 10.85 -0.68 3.96
CA PHE B 47 11.40 -1.16 2.70
C PHE B 47 12.89 -1.44 2.74
N GLY B 48 13.65 -0.68 3.52
CA GLY B 48 15.09 -0.87 3.60
C GLY B 48 15.82 0.07 2.67
N ALA B 49 16.87 0.72 3.18
CA ALA B 49 17.60 1.70 2.38
C ALA B 49 18.09 1.09 1.07
N SER B 50 18.53 -0.17 1.11
CA SER B 50 19.09 -0.79 -0.09
C SER B 50 18.02 -1.02 -1.15
N ASN B 51 16.86 -1.54 -0.73
CA ASN B 51 15.76 -1.73 -1.68
C ASN B 51 15.35 -0.40 -2.30
N VAL B 52 15.29 0.66 -1.50
CA VAL B 52 14.85 1.95 -2.00
C VAL B 52 15.82 2.47 -3.06
N THR B 53 17.11 2.40 -2.79
CA THR B 53 18.09 2.77 -3.81
C THR B 53 17.89 1.94 -5.06
N LYS B 54 17.69 0.63 -4.89
CA LYS B 54 17.46 -0.26 -6.01
C LYS B 54 16.21 0.14 -6.79
N LEU B 55 15.10 0.37 -6.08
CA LEU B 55 13.84 0.68 -6.75
C LEU B 55 13.88 2.06 -7.41
N LEU B 56 14.56 3.02 -6.81
CA LEU B 56 14.65 4.35 -7.43
C LEU B 56 15.51 4.31 -8.68
N ASN B 57 16.58 3.52 -8.67
CA ASN B 57 17.43 3.41 -9.85
C ASN B 57 16.66 2.82 -11.04
N GLU B 58 15.66 1.98 -10.78
CA GLU B 58 14.89 1.35 -11.85
C GLU B 58 13.94 2.32 -12.53
N LEU B 59 13.76 3.54 -11.99
CA LEU B 59 12.74 4.46 -12.49
C LEU B 59 13.36 5.59 -13.30
N PRO B 60 12.60 6.16 -14.23
CA PRO B 60 13.02 7.43 -14.84
C PRO B 60 13.26 8.48 -13.77
N PRO B 61 14.32 9.28 -13.90
CA PRO B 61 14.58 10.30 -12.87
C PRO B 61 13.40 11.21 -12.56
N HIS B 62 12.58 11.57 -13.56
CA HIS B 62 11.49 12.50 -13.32
C HIS B 62 10.34 11.89 -12.51
N GLN B 63 10.35 10.59 -12.29
CA GLN B 63 9.33 9.93 -11.47
C GLN B 63 9.77 9.64 -10.05
N ARG B 64 11.04 9.89 -9.72
CA ARG B 64 11.57 9.45 -8.43
C ARG B 64 10.99 10.26 -7.27
N GLU B 65 10.68 11.54 -7.49
CA GLU B 65 10.10 12.34 -6.42
C GLU B 65 8.74 11.80 -6.00
N ASP B 66 7.88 11.51 -6.99
CA ASP B 66 6.58 10.93 -6.67
C ASP B 66 6.71 9.52 -6.11
N ALA B 67 7.69 8.75 -6.60
CA ALA B 67 7.91 7.41 -6.06
C ALA B 67 8.27 7.47 -4.58
N VAL B 68 9.17 8.40 -4.21
CA VAL B 68 9.56 8.54 -2.81
C VAL B 68 8.36 8.95 -1.96
N SER B 69 7.56 9.91 -2.46
CA SER B 69 6.38 10.33 -1.71
C SER B 69 5.44 9.16 -1.45
N SER B 70 5.24 8.31 -2.46
CA SER B 70 4.39 7.14 -2.28
C SER B 70 4.98 6.16 -1.28
N LEU B 71 6.29 5.89 -1.40
CA LEU B 71 6.95 5.01 -0.44
C LEU B 71 6.82 5.56 0.98
N ALA B 72 6.99 6.87 1.14
CA ALA B 72 6.89 7.47 2.47
C ALA B 72 5.49 7.32 3.03
N TYR B 73 4.47 7.49 2.17
CA TYR B 73 3.09 7.30 2.61
C TYR B 73 2.84 5.87 3.03
N GLU B 74 3.25 4.91 2.19
CA GLU B 74 3.07 3.50 2.52
C GLU B 74 3.81 3.13 3.80
N ALA B 75 5.05 3.59 3.93
CA ALA B 75 5.85 3.25 5.10
C ALA B 75 5.22 3.78 6.38
N GLU B 76 4.81 5.05 6.37
CA GLU B 76 4.17 5.62 7.54
C GLU B 76 2.92 4.84 7.93
N ALA B 77 2.12 4.45 6.95
CA ALA B 77 0.93 3.65 7.24
C ALA B 77 1.31 2.30 7.82
N ARG B 78 2.43 1.73 7.36
CA ARG B 78 2.89 0.46 7.92
C ARG B 78 3.33 0.62 9.37
N VAL B 79 4.01 1.71 9.68
CA VAL B 79 4.49 1.93 11.04
C VAL B 79 3.31 2.06 12.00
N LYS B 80 2.28 2.81 11.59
CA LYS B 80 1.13 3.06 12.46
C LYS B 80 0.11 1.92 12.43
N ASP B 81 0.15 1.07 11.41
CA ASP B 81 -0.71 -0.11 11.34
C ASP B 81 0.12 -1.26 10.81
N PRO B 82 0.90 -1.93 11.68
CA PRO B 82 1.81 -2.96 11.18
C PRO B 82 1.14 -4.11 10.46
N VAL B 83 -0.12 -4.41 10.78
CA VAL B 83 -0.79 -5.56 10.17
C VAL B 83 -1.20 -5.24 8.74
N TYR B 84 -1.96 -4.15 8.56
CA TYR B 84 -2.58 -3.86 7.27
C TYR B 84 -1.93 -2.74 6.48
N GLY B 85 -1.15 -1.87 7.14
CA GLY B 85 -0.61 -0.74 6.43
C GLY B 85 -1.73 0.03 5.74
N CYS B 86 -1.43 0.59 4.58
CA CYS B 86 -2.44 1.36 3.86
C CYS B 86 -3.45 0.46 3.13
N VAL B 87 -3.27 -0.86 3.16
CA VAL B 87 -4.32 -1.74 2.67
C VAL B 87 -5.58 -1.57 3.51
N GLY B 88 -5.41 -1.23 4.79
CA GLY B 88 -6.57 -0.95 5.62
C GLY B 88 -7.41 0.18 5.07
N ALA B 89 -6.76 1.27 4.64
CA ALA B 89 -7.48 2.38 4.02
C ALA B 89 -8.22 1.92 2.77
N ILE B 90 -7.56 1.11 1.94
CA ILE B 90 -8.20 0.62 0.72
C ILE B 90 -9.44 -0.18 1.05
N SER B 91 -9.35 -1.06 2.06
CA SER B 91 -10.52 -1.84 2.46
C SER B 91 -11.66 -0.93 2.93
N VAL B 92 -11.33 0.08 3.75
CA VAL B 92 -12.35 1.00 4.25
C VAL B 92 -13.01 1.73 3.08
N LEU B 93 -12.21 2.21 2.14
CA LEU B 93 -12.76 2.98 1.03
C LEU B 93 -13.60 2.10 0.12
N GLN B 94 -13.16 0.86 -0.11
CA GLN B 94 -13.94 -0.04 -0.96
C GLN B 94 -15.30 -0.34 -0.35
N ARG B 95 -15.36 -0.52 0.97
CA ARG B 95 -16.64 -0.73 1.63
C ARG B 95 -17.57 0.47 1.42
N GLN B 96 -17.02 1.68 1.51
CA GLN B 96 -17.84 2.88 1.40
C GLN B 96 -18.33 3.08 -0.03
N VAL B 97 -17.51 2.75 -1.02
CA VAL B 97 -17.97 2.76 -2.40
C VAL B 97 -19.17 1.83 -2.55
N HIS B 98 -19.05 0.62 -2.01
CA HIS B 98 -20.14 -0.35 -2.13
C HIS B 98 -21.41 0.16 -1.48
N ARG B 99 -21.30 0.68 -0.26
CA ARG B 99 -22.48 1.22 0.43
C ARG B 99 -23.12 2.35 -0.38
N LEU B 100 -22.31 3.28 -0.88
CA LEU B 100 -22.85 4.42 -1.61
C LEU B 100 -23.48 3.98 -2.92
N GLN B 101 -22.85 3.02 -3.61
CA GLN B 101 -23.42 2.56 -4.87
C GLN B 101 -24.76 1.86 -4.65
N LYS B 102 -24.88 1.13 -3.54
CA LYS B 102 -26.16 0.53 -3.19
C LYS B 102 -27.21 1.60 -2.95
N GLU B 103 -26.85 2.63 -2.19
CA GLU B 103 -27.79 3.72 -1.92
C GLU B 103 -28.17 4.44 -3.21
N LEU B 104 -27.21 4.64 -4.10
CA LEU B 104 -27.50 5.31 -5.37
C LEU B 104 -28.42 4.49 -6.24
N ASP B 105 -28.27 3.16 -6.24
CA ASP B 105 -29.18 2.30 -6.97
C ASP B 105 -30.62 2.60 -6.58
N ALA B 106 -30.92 2.54 -5.28
CA ALA B 106 -32.28 2.80 -4.82
C ALA B 106 -32.74 4.20 -5.25
N ALA B 107 -31.87 5.19 -5.12
CA ALA B 107 -32.26 6.56 -5.46
C ALA B 107 -32.57 6.71 -6.94
N HIS B 108 -31.73 6.12 -7.80
CA HIS B 108 -31.93 6.26 -9.24
C HIS B 108 -33.24 5.61 -9.69
N THR B 109 -33.56 4.44 -9.14
CA THR B 109 -34.82 3.79 -9.51
C THR B 109 -36.01 4.61 -9.03
N GLU B 110 -35.92 5.15 -7.81
CA GLU B 110 -36.97 6.03 -7.31
C GLU B 110 -37.16 7.23 -8.24
N LEU B 111 -36.05 7.84 -8.66
CA LEU B 111 -36.13 9.00 -9.55
C LEU B 111 -36.70 8.60 -10.90
N LEU B 112 -36.33 7.43 -11.41
CA LEU B 112 -36.86 6.99 -12.69
C LEU B 112 -38.37 6.81 -12.63
N ARG B 113 -38.87 6.30 -11.51
CA ARG B 113 -40.31 6.14 -11.33
C ARG B 113 -41.01 7.50 -11.34
N TYR B 114 -40.42 8.49 -10.66
CA TYR B 114 -40.98 9.84 -10.68
C TYR B 114 -40.95 10.41 -12.09
N ALA B 115 -39.85 10.21 -12.82
CA ALA B 115 -39.74 10.76 -14.17
C ALA B 115 -40.81 10.20 -15.10
N CYS B 116 -41.27 8.98 -14.84
CA CYS B 116 -42.29 8.36 -15.67
C CYS B 116 -43.71 8.77 -15.28
N GLY B 117 -43.87 9.82 -14.47
CA GLY B 117 -45.17 10.34 -14.13
C GLY B 117 -45.57 10.11 -12.69
ZN ZN C . 10.28 -22.62 4.11
ZN ZN D . 22.90 12.28 2.04
#